data_7X4O
#
_entry.id   7X4O
#
_cell.length_a   100.280
_cell.length_b   100.280
_cell.length_c   100.280
_cell.angle_alpha   90.000
_cell.angle_beta   90.000
_cell.angle_gamma   90.000
#
_symmetry.space_group_name_H-M   'P 21 3'
#
loop_
_entity.id
_entity.type
_entity.pdbx_description
1 polymer 'Vacuolar protein sorting-associated protein 17'
2 non-polymer 'SULFATE ION'
3 water water
#
_entity_poly.entity_id   1
_entity_poly.type   'polypeptide(L)'
_entity_poly.pdbx_seq_one_letter_code
;GPLGSDEKKKYTLLAKVTGLERFGSATGKKENPTIIFDCSTNLPTFRKQQYKNVKKSYEEFHQLFKYLNVAIQESFVPTL
PSAYTTFGINSEEDRMKVTRNFQLWFNRLSQDPLIIRNEEVAFFIESDFNTYTPINKSK
;
_entity_poly.pdbx_strand_id   A,B
#
loop_
_chem_comp.id
_chem_comp.type
_chem_comp.name
_chem_comp.formula
SO4 non-polymer 'SULFATE ION' 'O4 S -2'
#
# COMPACT_ATOMS: atom_id res chain seq x y z
N LYS A 9 -7.07 16.00 -28.29
CA LYS A 9 -8.47 15.75 -27.96
C LYS A 9 -8.64 15.18 -26.55
N LYS A 10 -7.61 14.51 -26.06
CA LYS A 10 -7.72 13.74 -24.82
C LYS A 10 -7.26 14.59 -23.63
N TYR A 11 -7.91 14.38 -22.49
CA TYR A 11 -7.36 14.90 -21.24
C TYR A 11 -6.04 14.23 -20.94
N THR A 12 -5.09 15.00 -20.47
CA THR A 12 -3.77 14.46 -20.20
C THR A 12 -3.26 14.93 -18.85
N LEU A 13 -2.50 14.05 -18.21
CA LEU A 13 -1.83 14.32 -16.95
C LEU A 13 -0.42 13.78 -17.14
N LEU A 14 0.56 14.65 -17.17
CA LEU A 14 1.95 14.23 -17.37
C LEU A 14 2.76 14.67 -16.15
N ALA A 15 3.26 13.69 -15.40
CA ALA A 15 4.16 13.94 -14.28
C ALA A 15 5.58 13.54 -14.65
N LYS A 16 6.54 14.37 -14.22
CA LYS A 16 7.96 14.08 -14.38
C LYS A 16 8.59 14.12 -12.99
N VAL A 17 8.92 12.93 -12.47
CA VAL A 17 9.54 12.84 -11.15
C VAL A 17 10.99 13.30 -11.27
N THR A 18 11.35 14.34 -10.53
CA THR A 18 12.69 14.90 -10.66
C THR A 18 13.60 14.61 -9.48
N GLY A 19 13.10 14.04 -8.39
CA GLY A 19 14.01 13.71 -7.30
C GLY A 19 13.27 13.31 -6.04
N LEU A 20 14.07 12.91 -5.06
CA LEU A 20 13.60 12.61 -3.71
C LEU A 20 14.44 13.34 -2.68
N GLU A 21 13.84 13.50 -1.51
CA GLU A 21 14.48 14.07 -0.33
C GLU A 21 14.14 13.20 0.87
N GLU A 31 11.47 7.86 7.35
CA GLU A 31 10.38 8.46 8.12
C GLU A 31 9.18 8.80 7.22
N ASN A 32 9.34 9.80 6.35
CA ASN A 32 8.29 10.24 5.42
C ASN A 32 8.94 10.96 4.25
N PRO A 33 9.66 10.24 3.38
CA PRO A 33 10.45 10.90 2.34
C PRO A 33 9.58 11.72 1.41
N THR A 34 10.20 12.71 0.78
CA THR A 34 9.52 13.60 -0.18
C THR A 34 9.82 13.21 -1.61
N ILE A 35 8.78 13.16 -2.44
CA ILE A 35 8.91 12.92 -3.89
C ILE A 35 8.66 14.23 -4.62
N ILE A 36 9.59 14.64 -5.49
CA ILE A 36 9.54 15.91 -6.18
C ILE A 36 9.21 15.67 -7.65
N PHE A 37 8.24 16.40 -8.18
CA PHE A 37 7.84 16.15 -9.56
C PHE A 37 7.26 17.41 -10.19
N ASP A 38 7.37 17.49 -11.50
CA ASP A 38 6.65 18.49 -12.27
C ASP A 38 5.40 17.85 -12.84
N CYS A 39 4.42 18.69 -13.14
CA CYS A 39 3.12 18.21 -13.57
C CYS A 39 2.60 19.10 -14.69
N SER A 40 2.18 18.48 -15.77
CA SER A 40 1.56 19.18 -16.90
C SER A 40 0.21 18.53 -17.15
N THR A 41 -0.85 19.33 -17.16
CA THR A 41 -2.18 18.76 -17.38
C THR A 41 -3.09 19.76 -18.08
N ASN A 42 -4.09 19.24 -18.80
CA ASN A 42 -5.20 20.06 -19.28
C ASN A 42 -6.52 19.69 -18.61
N LEU A 43 -6.47 18.97 -17.49
CA LEU A 43 -7.70 18.52 -16.83
C LEU A 43 -8.44 19.71 -16.23
N PRO A 44 -9.74 19.84 -16.47
CA PRO A 44 -10.47 21.01 -15.93
C PRO A 44 -10.67 21.01 -14.42
N THR A 45 -10.32 19.91 -13.73
CA THR A 45 -10.35 19.81 -12.26
C THR A 45 -9.20 20.57 -11.58
N PHE A 46 -8.18 20.95 -12.34
CA PHE A 46 -7.00 21.62 -11.83
C PHE A 46 -7.17 23.13 -11.93
N ARG A 47 -6.49 23.85 -11.03
CA ARG A 47 -6.55 25.31 -11.08
C ARG A 47 -5.86 25.86 -12.31
N LYS A 48 -4.78 25.22 -12.74
CA LYS A 48 -4.00 25.68 -13.89
C LYS A 48 -3.42 24.46 -14.61
N GLN A 49 -2.39 24.66 -15.44
CA GLN A 49 -1.88 23.58 -16.26
C GLN A 49 -0.43 23.18 -16.00
N GLN A 50 0.43 24.08 -15.54
CA GLN A 50 1.85 23.80 -15.33
C GLN A 50 2.18 23.90 -13.86
N TYR A 51 2.72 22.82 -13.29
CA TYR A 51 3.17 22.82 -11.92
C TYR A 51 4.63 22.38 -11.91
N LYS A 52 5.44 23.08 -11.15
CA LYS A 52 6.88 22.86 -11.13
C LYS A 52 7.29 22.58 -9.70
N ASN A 53 8.14 21.56 -9.52
CA ASN A 53 8.71 21.24 -8.19
C ASN A 53 7.63 20.98 -7.15
N VAL A 54 6.60 20.21 -7.52
CA VAL A 54 5.64 19.75 -6.53
C VAL A 54 6.34 18.81 -5.57
N LYS A 55 6.08 18.99 -4.27
CA LYS A 55 6.66 18.15 -3.24
C LYS A 55 5.53 17.45 -2.49
N LYS A 56 5.58 16.12 -2.48
CA LYS A 56 4.57 15.29 -1.83
C LYS A 56 5.28 14.25 -0.96
N SER A 57 4.84 14.11 0.29
CA SER A 57 5.39 13.05 1.14
C SER A 57 4.75 11.71 0.81
N TYR A 58 5.48 10.63 1.14
CA TYR A 58 4.98 9.29 0.91
C TYR A 58 3.61 9.09 1.54
N GLU A 59 3.39 9.67 2.73
CA GLU A 59 2.11 9.47 3.39
C GLU A 59 0.96 10.11 2.61
N GLU A 60 1.21 11.27 1.97
CA GLU A 60 0.22 11.85 1.05
C GLU A 60 -0.10 10.92 -0.11
N PHE A 61 0.92 10.23 -0.66
CA PHE A 61 0.64 9.24 -1.69
C PHE A 61 -0.25 8.14 -1.15
N HIS A 62 0.05 7.66 0.07
CA HIS A 62 -0.79 6.63 0.68
C HIS A 62 -2.22 7.11 0.85
N GLN A 63 -2.41 8.37 1.26
CA GLN A 63 -3.77 8.89 1.40
C GLN A 63 -4.52 8.89 0.07
N LEU A 64 -3.87 9.33 -1.01
CA LEU A 64 -4.52 9.31 -2.32
C LEU A 64 -4.80 7.88 -2.78
N PHE A 65 -3.83 6.97 -2.63
CA PHE A 65 -4.07 5.58 -3.01
C PHE A 65 -5.25 5.00 -2.22
N LYS A 66 -5.27 5.23 -0.91
CA LYS A 66 -6.31 4.67 -0.06
C LYS A 66 -7.69 5.17 -0.47
N TYR A 67 -7.82 6.46 -0.79
CA TYR A 67 -9.08 6.98 -1.31
C TYR A 67 -9.45 6.32 -2.64
N LEU A 68 -8.54 6.35 -3.62
CA LEU A 68 -8.89 5.86 -4.96
C LEU A 68 -9.24 4.37 -4.91
N ASN A 69 -8.49 3.60 -4.12
CA ASN A 69 -8.71 2.15 -4.09
C ASN A 69 -10.13 1.82 -3.70
N VAL A 70 -10.68 2.52 -2.70
CA VAL A 70 -12.05 2.23 -2.28
C VAL A 70 -13.08 3.06 -3.05
N ALA A 71 -12.71 4.24 -3.57
CA ALA A 71 -13.68 5.07 -4.30
C ALA A 71 -13.89 4.66 -5.75
N ILE A 72 -12.87 4.10 -6.41
CA ILE A 72 -12.99 3.71 -7.80
C ILE A 72 -12.77 2.20 -7.88
N GLN A 73 -13.72 1.42 -7.40
CA GLN A 73 -13.51 -0.01 -7.41
C GLN A 73 -13.71 -0.63 -8.79
N GLU A 74 -14.18 0.15 -9.76
CA GLU A 74 -14.28 -0.33 -11.13
C GLU A 74 -12.95 -0.29 -11.87
N SER A 75 -11.93 0.35 -11.29
CA SER A 75 -10.63 0.46 -11.94
C SER A 75 -9.55 -0.21 -11.10
N PHE A 76 -8.50 -0.64 -11.77
CA PHE A 76 -7.30 -1.03 -11.06
C PHE A 76 -6.50 0.22 -10.71
N VAL A 77 -6.35 0.49 -9.42
CA VAL A 77 -5.51 1.59 -8.94
C VAL A 77 -4.12 1.06 -8.72
N PRO A 78 -3.09 1.56 -9.44
CA PRO A 78 -1.74 0.98 -9.32
C PRO A 78 -1.21 1.08 -7.90
N THR A 79 -0.65 -0.03 -7.43
CA THR A 79 -0.03 -0.09 -6.11
C THR A 79 1.16 0.84 -6.04
N LEU A 80 1.30 1.52 -4.90
CA LEU A 80 2.39 2.46 -4.72
C LEU A 80 3.73 1.73 -4.73
N PRO A 81 4.81 2.43 -5.08
CA PRO A 81 6.15 1.89 -4.79
C PRO A 81 6.26 1.46 -3.34
N SER A 82 7.04 0.40 -3.13
CA SER A 82 7.28 -0.16 -1.81
C SER A 82 7.70 0.90 -0.80
N ALA A 83 7.02 0.95 0.35
CA ALA A 83 7.46 1.86 1.40
C ALA A 83 8.82 1.44 1.98
N TYR A 84 9.01 0.14 2.17
CA TYR A 84 10.28 -0.40 2.64
C TYR A 84 11.47 0.11 1.82
N THR A 85 11.43 -0.07 0.49
CA THR A 85 12.54 0.38 -0.34
C THR A 85 12.58 1.91 -0.44
N THR A 86 11.41 2.56 -0.47
CA THR A 86 11.39 4.03 -0.51
C THR A 86 12.00 4.62 0.76
N PHE A 87 11.63 4.08 1.94
CA PHE A 87 12.20 4.56 3.20
C PHE A 87 13.63 4.10 3.43
N GLY A 88 14.09 3.09 2.69
CA GLY A 88 15.38 2.48 2.95
C GLY A 88 16.51 2.95 2.07
N ILE A 89 16.34 4.05 1.34
CA ILE A 89 17.36 4.51 0.39
C ILE A 89 18.68 4.73 1.10
N ASN A 90 19.74 4.12 0.55
CA ASN A 90 21.09 4.23 1.11
C ASN A 90 22.15 4.61 0.09
N SER A 91 21.95 4.29 -1.19
CA SER A 91 22.89 4.65 -2.23
C SER A 91 22.21 5.54 -3.26
N GLU A 92 23.03 6.27 -4.02
CA GLU A 92 22.48 7.00 -5.16
C GLU A 92 21.83 6.04 -6.14
N GLU A 93 22.32 4.81 -6.20
CA GLU A 93 21.66 3.77 -6.98
C GLU A 93 20.26 3.49 -6.45
N ASP A 94 20.12 3.39 -5.13
CA ASP A 94 18.79 3.24 -4.53
C ASP A 94 17.91 4.42 -4.92
N ARG A 95 18.45 5.63 -4.82
CA ARG A 95 17.67 6.84 -5.14
C ARG A 95 17.12 6.80 -6.56
N MET A 96 17.94 6.36 -7.53
CA MET A 96 17.50 6.30 -8.91
C MET A 96 16.41 5.26 -9.10
N LYS A 97 16.58 4.08 -8.52
CA LYS A 97 15.58 3.03 -8.62
C LYS A 97 14.23 3.47 -8.05
N VAL A 98 14.25 4.20 -6.93
CA VAL A 98 13.00 4.67 -6.34
C VAL A 98 12.38 5.77 -7.20
N THR A 99 13.22 6.66 -7.73
CA THR A 99 12.74 7.68 -8.67
C THR A 99 12.06 7.05 -9.88
N ARG A 100 12.65 5.99 -10.42
CA ARG A 100 12.03 5.29 -11.54
C ARG A 100 10.73 4.63 -11.11
N ASN A 101 10.67 4.08 -9.89
CA ASN A 101 9.45 3.44 -9.42
C ASN A 101 8.29 4.43 -9.36
N PHE A 102 8.56 5.66 -8.89
CA PHE A 102 7.49 6.65 -8.80
C PHE A 102 7.11 7.17 -10.18
N GLN A 103 8.09 7.28 -11.07
CA GLN A 103 7.80 7.59 -12.47
C GLN A 103 6.86 6.55 -13.07
N LEU A 104 7.18 5.26 -12.91
CA LEU A 104 6.28 4.22 -13.41
C LEU A 104 4.89 4.34 -12.80
N TRP A 105 4.81 4.63 -11.50
CA TRP A 105 3.51 4.77 -10.86
C TRP A 105 2.71 5.90 -11.50
N PHE A 106 3.33 7.06 -11.66
CA PHE A 106 2.65 8.19 -12.28
C PHE A 106 2.21 7.85 -13.71
N ASN A 107 3.07 7.16 -14.47
CA ASN A 107 2.71 6.79 -15.84
C ASN A 107 1.47 5.91 -15.87
N ARG A 108 1.44 4.88 -15.01
CA ARG A 108 0.28 3.99 -14.99
C ARG A 108 -0.97 4.72 -14.55
N LEU A 109 -0.86 5.61 -13.56
CA LEU A 109 -2.00 6.41 -13.13
C LEU A 109 -2.57 7.22 -14.28
N SER A 110 -1.69 7.90 -15.03
CA SER A 110 -2.10 8.82 -16.08
C SER A 110 -2.76 8.10 -17.25
N GLN A 111 -2.54 6.80 -17.38
CA GLN A 111 -3.08 5.97 -18.44
C GLN A 111 -4.51 5.52 -18.17
N ASP A 112 -5.02 5.72 -16.96
CA ASP A 112 -6.42 5.39 -16.68
C ASP A 112 -7.26 6.65 -16.78
N PRO A 113 -8.08 6.81 -17.82
CA PRO A 113 -8.81 8.08 -17.97
C PRO A 113 -9.86 8.28 -16.90
N LEU A 114 -10.37 7.20 -16.31
CA LEU A 114 -11.34 7.35 -15.24
C LEU A 114 -10.69 7.80 -13.94
N ILE A 115 -9.46 7.35 -13.66
CA ILE A 115 -8.79 7.76 -12.43
C ILE A 115 -8.43 9.24 -12.49
N ILE A 116 -7.83 9.69 -13.59
CA ILE A 116 -7.31 11.05 -13.62
C ILE A 116 -8.44 12.08 -13.63
N ARG A 117 -9.66 11.65 -13.93
CA ARG A 117 -10.82 12.54 -13.86
CA ARG A 117 -10.83 12.52 -13.85
C ARG A 117 -11.27 12.79 -12.43
N ASN A 118 -10.82 11.99 -11.47
CA ASN A 118 -11.28 12.17 -10.09
C ASN A 118 -10.62 13.39 -9.45
N GLU A 119 -11.43 14.27 -8.85
CA GLU A 119 -10.87 15.53 -8.37
C GLU A 119 -9.86 15.36 -7.22
N GLU A 120 -9.85 14.20 -6.55
CA GLU A 120 -8.85 13.99 -5.49
C GLU A 120 -7.44 14.00 -6.04
N VAL A 121 -7.25 13.54 -7.29
CA VAL A 121 -5.95 13.62 -7.95
C VAL A 121 -5.47 15.07 -8.00
N ALA A 122 -6.36 15.98 -8.41
CA ALA A 122 -6.01 17.41 -8.41
C ALA A 122 -5.75 17.93 -6.99
N PHE A 123 -6.60 17.56 -6.02
CA PHE A 123 -6.39 18.06 -4.66
C PHE A 123 -5.07 17.56 -4.07
N PHE A 124 -4.71 16.32 -4.39
CA PHE A 124 -3.42 15.79 -3.96
C PHE A 124 -2.27 16.63 -4.52
N ILE A 125 -2.28 16.89 -5.81
CA ILE A 125 -1.17 17.60 -6.44
C ILE A 125 -1.13 19.07 -6.03
N GLU A 126 -2.29 19.69 -5.80
CA GLU A 126 -2.34 21.13 -5.59
C GLU A 126 -2.27 21.53 -4.12
N SER A 127 -2.48 20.61 -3.19
CA SER A 127 -2.44 20.96 -1.79
C SER A 127 -1.00 21.18 -1.32
N ASP A 128 -0.86 21.98 -0.26
CA ASP A 128 0.42 22.22 0.38
C ASP A 128 1.14 20.91 0.66
N PHE A 129 2.48 20.95 0.56
CA PHE A 129 3.32 19.81 0.93
C PHE A 129 2.91 19.23 2.27
N ASN A 130 2.69 17.92 2.29
CA ASN A 130 2.48 17.18 3.53
C ASN A 130 1.15 17.50 4.19
N THR A 131 0.16 18.02 3.44
CA THR A 131 -1.16 18.26 4.02
C THR A 131 -2.28 17.42 3.43
N TYR A 132 -2.06 16.61 2.38
CA TYR A 132 -3.19 16.01 1.67
C TYR A 132 -3.84 14.90 2.48
N THR A 133 -5.13 15.05 2.76
CA THR A 133 -6.04 13.96 3.02
C THR A 133 -7.28 14.19 2.16
N PRO A 134 -8.05 13.15 1.87
CA PRO A 134 -9.14 13.31 0.89
C PRO A 134 -10.15 14.35 1.32
N ILE A 135 -10.57 15.17 0.35
CA ILE A 135 -11.72 16.04 0.53
C ILE A 135 -12.99 15.22 0.60
N ASN A 136 -13.24 14.39 -0.42
CA ASN A 136 -14.43 13.55 -0.41
C ASN A 136 -14.27 12.41 0.58
N LYS A 137 -15.36 12.06 1.25
CA LYS A 137 -15.32 10.96 2.21
C LYS A 137 -15.21 9.65 1.44
N GLU B 7 -22.12 -28.81 2.70
CA GLU B 7 -21.10 -27.85 3.00
C GLU B 7 -21.67 -26.66 3.80
N LYS B 8 -22.38 -26.94 4.91
CA LYS B 8 -22.97 -25.88 5.73
C LYS B 8 -21.93 -24.87 6.22
N LYS B 9 -20.87 -25.35 6.89
CA LYS B 9 -19.85 -24.48 7.44
C LYS B 9 -18.95 -23.93 6.34
N LYS B 10 -18.62 -22.64 6.43
CA LYS B 10 -17.80 -22.00 5.40
C LYS B 10 -16.34 -22.05 5.78
N TYR B 11 -15.47 -21.82 4.78
CA TYR B 11 -14.05 -21.69 5.06
C TYR B 11 -13.80 -20.47 5.93
N THR B 12 -12.82 -20.58 6.82
CA THR B 12 -12.53 -19.49 7.71
C THR B 12 -11.02 -19.29 7.82
N LEU B 13 -10.65 -18.05 8.10
CA LEU B 13 -9.28 -17.63 8.28
C LEU B 13 -9.34 -16.59 9.39
N LEU B 14 -8.82 -16.92 10.56
CA LEU B 14 -8.91 -16.01 11.70
C LEU B 14 -7.48 -15.70 12.15
N ALA B 15 -7.07 -14.45 12.00
CA ALA B 15 -5.76 -14.01 12.47
C ALA B 15 -5.93 -13.26 13.77
N LYS B 16 -4.96 -13.43 14.67
CA LYS B 16 -4.92 -12.76 15.96
C LYS B 16 -3.60 -12.02 16.05
N VAL B 17 -3.62 -10.71 15.82
CA VAL B 17 -2.38 -9.94 15.91
C VAL B 17 -1.98 -9.87 17.38
N THR B 18 -0.77 -10.30 17.70
CA THR B 18 -0.34 -10.33 19.09
C THR B 18 0.78 -9.36 19.39
N GLY B 19 1.38 -8.73 18.39
CA GLY B 19 2.53 -7.92 18.70
C GLY B 19 3.18 -7.37 17.45
N LEU B 20 4.22 -6.58 17.70
CA LEU B 20 4.93 -5.85 16.67
C LEU B 20 6.35 -5.63 17.16
N GLU B 21 7.34 -5.93 16.31
CA GLU B 21 8.73 -5.68 16.65
C GLU B 21 9.31 -4.73 15.62
N ARG B 22 10.04 -3.72 16.09
CA ARG B 22 10.65 -2.72 15.22
C ARG B 22 11.98 -3.22 14.67
N PHE B 23 11.88 -4.32 13.92
CA PHE B 23 12.96 -4.88 13.12
C PHE B 23 13.62 -3.83 12.22
N GLY B 24 14.95 -3.84 12.21
CA GLY B 24 15.70 -2.84 11.46
C GLY B 24 15.58 -1.46 12.08
N GLY B 28 21.45 1.94 10.82
CA GLY B 28 22.23 1.52 9.67
C GLY B 28 21.66 0.32 8.92
N LYS B 29 20.62 -0.28 9.50
CA LYS B 29 19.87 -1.35 8.86
C LYS B 29 18.50 -0.82 8.45
N LYS B 30 18.01 -1.30 7.30
CA LYS B 30 16.75 -0.80 6.75
C LYS B 30 15.58 -1.19 7.64
N GLU B 31 14.76 -0.21 7.99
CA GLU B 31 13.63 -0.49 8.83
C GLU B 31 12.55 -1.28 8.06
N ASN B 32 11.98 -2.27 8.73
CA ASN B 32 10.99 -3.16 8.15
C ASN B 32 10.18 -3.75 9.30
N PRO B 33 9.23 -3.00 9.86
CA PRO B 33 8.49 -3.48 11.04
C PRO B 33 7.90 -4.87 10.84
N THR B 34 7.98 -5.68 11.88
CA THR B 34 7.50 -7.06 11.87
C THR B 34 6.20 -7.19 12.65
N ILE B 35 5.19 -7.81 12.02
CA ILE B 35 3.90 -8.05 12.66
C ILE B 35 3.87 -9.51 13.10
N ILE B 36 3.47 -9.74 14.35
CA ILE B 36 3.44 -11.06 14.95
C ILE B 36 2.00 -11.45 15.16
N PHE B 37 1.63 -12.63 14.70
CA PHE B 37 0.22 -12.99 14.76
C PHE B 37 0.05 -14.50 14.80
N ASP B 38 -1.06 -14.91 15.38
CA ASP B 38 -1.49 -16.30 15.33
C ASP B 38 -2.52 -16.43 14.22
N CYS B 39 -2.58 -17.62 13.62
CA CYS B 39 -3.51 -17.85 12.52
C CYS B 39 -4.19 -19.19 12.70
N SER B 40 -5.51 -19.22 12.54
CA SER B 40 -6.25 -20.48 12.50
C SER B 40 -7.19 -20.48 11.30
N THR B 41 -7.22 -21.62 10.60
CA THR B 41 -7.98 -21.72 9.37
C THR B 41 -8.26 -23.19 9.06
N ASN B 42 -9.30 -23.41 8.24
CA ASN B 42 -9.55 -24.72 7.68
C ASN B 42 -9.40 -24.72 6.15
N LEU B 43 -8.76 -23.70 5.60
CA LEU B 43 -8.60 -23.61 4.15
C LEU B 43 -7.66 -24.70 3.67
N PRO B 44 -8.08 -25.53 2.72
CA PRO B 44 -7.21 -26.63 2.26
C PRO B 44 -6.05 -26.17 1.42
N THR B 45 -5.93 -24.87 1.13
CA THR B 45 -4.71 -24.30 0.54
C THR B 45 -3.57 -24.23 1.54
N PHE B 46 -3.85 -24.41 2.83
CA PHE B 46 -2.84 -24.35 3.86
C PHE B 46 -2.35 -25.74 4.21
N ARG B 47 -1.11 -25.82 4.67
CA ARG B 47 -0.55 -27.12 5.03
C ARG B 47 -1.15 -27.65 6.32
N LYS B 48 -1.59 -26.78 7.23
CA LYS B 48 -2.20 -27.22 8.48
C LYS B 48 -3.26 -26.19 8.91
N GLN B 49 -3.71 -26.28 10.16
CA GLN B 49 -4.83 -25.47 10.64
C GLN B 49 -4.47 -24.45 11.73
N GLN B 50 -3.42 -24.66 12.53
CA GLN B 50 -3.02 -23.71 13.56
C GLN B 50 -1.59 -23.23 13.35
N TYR B 51 -1.40 -21.91 13.40
CA TYR B 51 -0.08 -21.29 13.31
C TYR B 51 0.10 -20.36 14.51
N LYS B 52 1.23 -20.48 15.17
CA LYS B 52 1.51 -19.69 16.36
C LYS B 52 2.69 -18.80 16.08
N ASN B 53 2.57 -17.53 16.49
CA ASN B 53 3.68 -16.57 16.43
C ASN B 53 4.25 -16.45 15.02
N VAL B 54 3.36 -16.34 14.03
CA VAL B 54 3.80 -16.01 12.67
C VAL B 54 4.41 -14.61 12.66
N LYS B 55 5.56 -14.46 12.00
CA LYS B 55 6.25 -13.18 11.89
C LYS B 55 6.33 -12.78 10.43
N LYS B 56 5.79 -11.60 10.10
CA LYS B 56 5.78 -11.09 8.74
C LYS B 56 6.23 -9.64 8.74
N SER B 57 7.17 -9.32 7.85
CA SER B 57 7.64 -7.95 7.70
C SER B 57 6.64 -7.12 6.89
N TYR B 58 6.68 -5.80 7.11
CA TYR B 58 5.81 -4.89 6.35
C TYR B 58 5.97 -5.12 4.85
N GLU B 59 7.20 -5.31 4.38
CA GLU B 59 7.41 -5.54 2.96
C GLU B 59 6.71 -6.81 2.48
N GLU B 60 6.71 -7.86 3.29
CA GLU B 60 5.95 -9.05 2.91
C GLU B 60 4.47 -8.73 2.74
N PHE B 61 3.90 -7.92 3.66
CA PHE B 61 2.51 -7.48 3.52
C PHE B 61 2.32 -6.69 2.24
N HIS B 62 3.25 -5.78 1.92
CA HIS B 62 3.15 -5.01 0.69
C HIS B 62 3.16 -5.93 -0.53
N GLN B 63 4.02 -6.96 -0.50
CA GLN B 63 4.07 -7.91 -1.61
C GLN B 63 2.74 -8.63 -1.80
N LEU B 64 2.11 -9.01 -0.69
CA LEU B 64 0.84 -9.73 -0.81
C LEU B 64 -0.26 -8.80 -1.29
N PHE B 65 -0.32 -7.57 -0.75
CA PHE B 65 -1.30 -6.61 -1.22
C PHE B 65 -1.13 -6.33 -2.70
N LYS B 66 0.13 -6.12 -3.13
CA LYS B 66 0.39 -5.79 -4.53
C LYS B 66 -0.10 -6.88 -5.48
N TYR B 67 0.15 -8.15 -5.13
CA TYR B 67 -0.36 -9.26 -5.94
C TYR B 67 -1.89 -9.26 -5.98
N LEU B 68 -2.51 -9.23 -4.79
CA LEU B 68 -3.97 -9.36 -4.71
C LEU B 68 -4.65 -8.20 -5.43
N ASN B 69 -4.10 -6.99 -5.32
CA ASN B 69 -4.73 -5.83 -5.95
C ASN B 69 -4.88 -6.02 -7.45
N VAL B 70 -3.82 -6.50 -8.11
CA VAL B 70 -3.89 -6.69 -9.54
C VAL B 70 -4.48 -8.05 -9.92
N ALA B 71 -4.29 -9.08 -9.10
CA ALA B 71 -4.79 -10.40 -9.49
C ALA B 71 -6.26 -10.55 -9.21
N ILE B 72 -6.81 -9.82 -8.25
CA ILE B 72 -8.23 -9.97 -7.93
C ILE B 72 -8.93 -8.62 -8.13
N GLN B 73 -9.02 -8.15 -9.38
CA GLN B 73 -9.55 -6.80 -9.58
C GLN B 73 -11.06 -6.73 -9.44
N GLU B 74 -11.75 -7.88 -9.39
CA GLU B 74 -13.16 -7.88 -9.06
C GLU B 74 -13.41 -7.65 -7.58
N SER B 75 -12.38 -7.65 -6.73
CA SER B 75 -12.56 -7.40 -5.31
C SER B 75 -11.89 -6.10 -4.88
N PHE B 76 -12.47 -5.50 -3.87
CA PHE B 76 -11.78 -4.47 -3.11
C PHE B 76 -10.80 -5.15 -2.16
N VAL B 77 -9.51 -4.92 -2.38
CA VAL B 77 -8.47 -5.42 -1.49
C VAL B 77 -8.16 -4.32 -0.47
N PRO B 78 -8.38 -4.55 0.84
CA PRO B 78 -8.17 -3.49 1.83
C PRO B 78 -6.75 -2.93 1.79
N THR B 79 -6.68 -1.60 1.79
CA THR B 79 -5.40 -0.91 1.83
C THR B 79 -4.66 -1.25 3.12
N LEU B 80 -3.35 -1.46 3.02
CA LEU B 80 -2.54 -1.75 4.19
C LEU B 80 -2.59 -0.58 5.19
N PRO B 81 -2.37 -0.85 6.48
CA PRO B 81 -2.10 0.26 7.41
C PRO B 81 -0.96 1.13 6.88
N SER B 82 -1.08 2.43 7.09
CA SER B 82 -0.09 3.41 6.64
C SER B 82 1.33 3.01 7.04
N ALA B 83 2.25 3.05 6.09
CA ALA B 83 3.65 2.81 6.44
C ALA B 83 4.20 3.93 7.31
N TYR B 84 3.83 5.18 7.02
CA TYR B 84 4.28 6.29 7.83
C TYR B 84 4.01 6.03 9.31
N THR B 85 2.82 5.54 9.63
CA THR B 85 2.44 5.29 11.00
C THR B 85 3.08 4.02 11.53
N THR B 86 3.13 2.96 10.71
CA THR B 86 3.70 1.70 11.17
C THR B 86 5.20 1.85 11.42
N PHE B 87 5.89 2.61 10.58
CA PHE B 87 7.32 2.81 10.74
C PHE B 87 7.66 3.85 11.81
N GLY B 88 6.70 4.63 12.29
CA GLY B 88 6.98 5.74 13.18
C GLY B 88 6.53 5.58 14.62
N ILE B 89 6.68 4.38 15.17
CA ILE B 89 6.23 4.08 16.53
C ILE B 89 7.20 4.69 17.54
N ASN B 90 6.68 5.64 18.34
CA ASN B 90 7.44 6.36 19.36
C ASN B 90 7.04 5.98 20.79
N SER B 91 6.03 5.14 20.99
CA SER B 91 5.50 4.86 22.32
C SER B 91 4.65 3.59 22.24
N GLU B 92 4.37 3.01 23.40
CA GLU B 92 3.50 1.82 23.44
CA GLU B 92 3.50 1.82 23.44
C GLU B 92 2.10 2.13 22.96
N GLU B 93 1.61 3.35 23.20
CA GLU B 93 0.32 3.78 22.66
C GLU B 93 0.33 3.74 21.14
N ASP B 94 1.42 4.21 20.53
CA ASP B 94 1.57 4.07 19.08
C ASP B 94 1.55 2.61 18.66
N ARG B 95 2.30 1.78 19.38
CA ARG B 95 2.41 0.36 19.00
C ARG B 95 1.05 -0.32 19.08
N MET B 96 0.23 0.07 20.07
CA MET B 96 -1.10 -0.50 20.21
C MET B 96 -2.02 -0.07 19.08
N LYS B 97 -1.94 1.20 18.68
CA LYS B 97 -2.69 1.64 17.50
C LYS B 97 -2.29 0.85 16.26
N VAL B 98 -0.99 0.59 16.07
CA VAL B 98 -0.57 -0.14 14.87
C VAL B 98 -1.09 -1.57 14.91
N THR B 99 -1.01 -2.19 16.09
CA THR B 99 -1.51 -3.54 16.29
C THR B 99 -3.00 -3.64 15.94
N ARG B 100 -3.80 -2.69 16.43
CA ARG B 100 -5.21 -2.68 16.09
C ARG B 100 -5.41 -2.45 14.60
N ASN B 101 -4.60 -1.58 13.98
CA ASN B 101 -4.71 -1.39 12.54
C ASN B 101 -4.49 -2.69 11.77
N PHE B 102 -3.49 -3.48 12.18
CA PHE B 102 -3.29 -4.73 11.43
C PHE B 102 -4.38 -5.75 11.74
N GLN B 103 -4.96 -5.72 12.95
CA GLN B 103 -6.11 -6.60 13.26
C GLN B 103 -7.30 -6.26 12.38
N LEU B 104 -7.64 -4.98 12.29
CA LEU B 104 -8.69 -4.53 11.38
C LEU B 104 -8.42 -4.98 9.95
N TRP B 105 -7.17 -4.86 9.50
CA TRP B 105 -6.83 -5.28 8.14
C TRP B 105 -7.10 -6.78 7.92
N PHE B 106 -6.60 -7.61 8.82
CA PHE B 106 -6.81 -9.05 8.69
C PHE B 106 -8.31 -9.37 8.73
N ASN B 107 -9.05 -8.67 9.61
CA ASN B 107 -10.49 -8.88 9.72
C ASN B 107 -11.20 -8.60 8.41
N ARG B 108 -10.88 -7.46 7.78
CA ARG B 108 -11.51 -7.14 6.52
C ARG B 108 -11.05 -8.09 5.42
N LEU B 109 -9.78 -8.50 5.45
CA LEU B 109 -9.31 -9.46 4.46
C LEU B 109 -10.06 -10.78 4.59
N SER B 110 -10.20 -11.28 5.82
CA SER B 110 -10.85 -12.57 5.99
CA SER B 110 -10.86 -12.56 6.08
C SER B 110 -12.34 -12.54 5.76
N GLN B 111 -12.94 -11.37 5.58
CA GLN B 111 -14.36 -11.27 5.29
C GLN B 111 -14.66 -11.45 3.82
N ASP B 112 -13.65 -11.43 2.96
CA ASP B 112 -13.87 -11.58 1.53
C ASP B 112 -13.61 -13.04 1.16
N PRO B 113 -14.64 -13.82 0.83
CA PRO B 113 -14.40 -15.25 0.59
C PRO B 113 -13.54 -15.51 -0.63
N LEU B 114 -13.54 -14.61 -1.62
CA LEU B 114 -12.70 -14.81 -2.79
C LEU B 114 -11.23 -14.54 -2.48
N ILE B 115 -10.94 -13.57 -1.64
CA ILE B 115 -9.56 -13.25 -1.33
C ILE B 115 -8.92 -14.37 -0.52
N ILE B 116 -9.60 -14.83 0.54
CA ILE B 116 -9.01 -15.83 1.43
C ILE B 116 -8.82 -17.17 0.73
N ARG B 117 -9.55 -17.42 -0.36
CA ARG B 117 -9.34 -18.63 -1.16
C ARG B 117 -8.04 -18.60 -1.95
N ASN B 118 -7.48 -17.43 -2.19
CA ASN B 118 -6.31 -17.35 -3.06
C ASN B 118 -5.11 -17.99 -2.39
N GLU B 119 -4.37 -18.82 -3.12
CA GLU B 119 -3.31 -19.57 -2.47
C GLU B 119 -2.14 -18.68 -2.05
N GLU B 120 -2.03 -17.48 -2.61
CA GLU B 120 -0.96 -16.56 -2.21
C GLU B 120 -1.10 -16.13 -0.76
N VAL B 121 -2.33 -16.07 -0.23
CA VAL B 121 -2.51 -15.82 1.20
C VAL B 121 -1.87 -16.93 2.02
N ALA B 122 -2.01 -18.18 1.59
CA ALA B 122 -1.34 -19.28 2.28
C ALA B 122 0.18 -19.18 2.16
N PHE B 123 0.68 -18.89 0.96
CA PHE B 123 2.13 -18.78 0.78
C PHE B 123 2.70 -17.65 1.63
N PHE B 124 1.96 -16.54 1.75
CA PHE B 124 2.37 -15.42 2.59
C PHE B 124 2.51 -15.86 4.05
N ILE B 125 1.49 -16.54 4.57
CA ILE B 125 1.51 -16.92 5.99
C ILE B 125 2.58 -18.00 6.26
N GLU B 126 2.76 -18.93 5.33
CA GLU B 126 3.61 -20.09 5.57
C GLU B 126 5.05 -19.92 5.16
N SER B 127 5.38 -18.94 4.31
CA SER B 127 6.77 -18.75 3.96
C SER B 127 7.57 -18.27 5.18
N ASP B 128 8.88 -18.50 5.15
CA ASP B 128 9.77 -18.02 6.20
C ASP B 128 9.64 -16.52 6.39
N PHE B 129 9.86 -16.06 7.63
CA PHE B 129 9.88 -14.64 7.93
C PHE B 129 10.73 -13.89 6.92
N ASN B 130 10.19 -12.79 6.39
CA ASN B 130 10.90 -11.86 5.50
C ASN B 130 11.39 -12.51 4.21
N THR B 131 10.65 -13.49 3.69
CA THR B 131 10.95 -14.03 2.37
C THR B 131 9.81 -13.96 1.35
N TYR B 132 8.59 -13.58 1.74
CA TYR B 132 7.45 -13.71 0.84
C TYR B 132 7.55 -12.74 -0.35
N THR B 133 7.54 -13.30 -1.55
CA THR B 133 7.11 -12.64 -2.77
C THR B 133 6.21 -13.61 -3.52
N PRO B 134 5.35 -13.12 -4.42
CA PRO B 134 4.29 -13.99 -4.96
C PRO B 134 4.84 -15.16 -5.75
N ILE B 135 4.19 -16.32 -5.58
CA ILE B 135 4.55 -17.49 -6.37
C ILE B 135 3.96 -17.37 -7.78
N ASN B 136 2.74 -16.89 -7.90
CA ASN B 136 2.05 -16.88 -9.18
C ASN B 136 2.47 -15.68 -10.03
N LYS B 137 2.10 -15.75 -11.30
CA LYS B 137 2.32 -14.68 -12.28
C LYS B 137 1.74 -13.36 -11.80
S SO4 C . -0.57 27.67 -16.74
O1 SO4 C . 0.03 26.68 -15.84
O2 SO4 C . 0.01 27.54 -18.08
O3 SO4 C . -2.02 27.44 -16.81
O4 SO4 C . -0.30 29.00 -16.19
S SO4 D . -10.11 11.19 -22.88
O1 SO4 D . -11.04 10.64 -21.90
O2 SO4 D . -8.90 10.35 -22.92
O3 SO4 D . -10.73 11.18 -24.21
O4 SO4 D . -9.74 12.55 -22.50
S SO4 E . 10.94 -3.59 19.71
O1 SO4 E . 10.90 -4.94 20.28
O2 SO4 E . 12.11 -3.45 18.83
O3 SO4 E . 9.74 -3.37 18.92
O4 SO4 E . 10.99 -2.58 20.76
S SO4 F . -3.11 -28.73 13.06
O1 SO4 F . -3.69 -29.08 11.75
O2 SO4 F . -2.13 -29.74 13.44
O3 SO4 F . -4.18 -28.67 14.06
O4 SO4 F . -2.44 -27.43 13.00
#